data_4DNC
#
_entry.id   4DNC
#
_cell.length_a   64.801
_cell.length_b   111.518
_cell.length_c   66.751
_cell.angle_alpha   90.00
_cell.angle_beta   111.05
_cell.angle_gamma   90.00
#
_symmetry.space_group_name_H-M   'P 1 21 1'
#
loop_
_entity.id
_entity.type
_entity.pdbx_description
1 polymer 'Histone acetyltransferase KAT8'
2 polymer 'Male-specific lethal 1 homolog'
3 non-polymer 'ZINC ION'
4 water water
#
loop_
_entity_poly.entity_id
_entity_poly.type
_entity_poly.pdbx_seq_one_letter_code
_entity_poly.pdbx_strand_id
1 'polypeptide(L)'
;HEAITKVKYVDKIHIGNYEIDAWYFSPFPEDYGKQPKLWLCEYCLKYMKYEKSYRFHLGQCQWRQPPGKEIYRKSNISVY
EVDGKDHKIYCQNLCLLAKLFLDH(ALY)TLYFDVEPFVFYILTEVDRQGAHIVGYFSKEKESPDGNNVACILTLPPYQR
RGYGKFLIAFSYELSKLESTVGSPEKPLSDLGKLSYRSYWSWVLLEILRDFRGTLSIKDLSQMTSITQNDIISTLQSLNM
VKYWKGQHVICVTPKLVEEHLKSAQYKKPPITVDSVCLKWAPPKHKQVKLSKK
;
A,B
2 'polypeptide(L)' LAVPSWRDHSVEPLRDPNPSDLLENLDDSVFSKRHAKLELDEKRRKRW D,E
#
# COMPACT_ATOMS: atom_id res chain seq x y z
N TYR A 9 8.40 -13.72 -17.18
CA TYR A 9 8.29 -12.74 -16.11
C TYR A 9 9.57 -11.92 -15.93
N VAL A 10 9.45 -10.61 -16.09
CA VAL A 10 10.57 -9.71 -15.88
C VAL A 10 10.77 -9.56 -14.38
N ASP A 11 11.88 -10.09 -13.87
CA ASP A 11 12.16 -10.07 -12.43
C ASP A 11 12.76 -8.75 -11.93
N LYS A 12 13.46 -8.04 -12.81
CA LYS A 12 14.09 -6.80 -12.38
C LYS A 12 14.53 -5.98 -13.57
N ILE A 13 14.66 -4.68 -13.35
CA ILE A 13 15.16 -3.82 -14.39
C ILE A 13 16.39 -3.09 -13.88
N HIS A 14 17.20 -2.62 -14.81
CA HIS A 14 18.25 -1.67 -14.50
C HIS A 14 17.80 -0.36 -15.14
N ILE A 15 17.73 0.70 -14.35
CA ILE A 15 17.36 2.01 -14.86
C ILE A 15 18.15 3.07 -14.10
N GLY A 16 18.96 3.84 -14.83
CA GLY A 16 19.86 4.79 -14.21
C GLY A 16 20.89 4.10 -13.33
N ASN A 17 20.96 4.50 -12.07
CA ASN A 17 21.92 3.90 -11.16
C ASN A 17 21.32 2.81 -10.24
N TYR A 18 20.13 2.32 -10.58
CA TYR A 18 19.53 1.25 -9.76
C TYR A 18 19.13 0.02 -10.56
N GLU A 19 19.39 -1.14 -9.97
CA GLU A 19 18.67 -2.34 -10.34
C GLU A 19 17.51 -2.45 -9.37
N ILE A 20 16.29 -2.49 -9.90
CA ILE A 20 15.08 -2.55 -9.09
C ILE A 20 14.29 -3.83 -9.32
N ASP A 21 13.88 -4.50 -8.24
CA ASP A 21 13.04 -5.69 -8.33
C ASP A 21 11.64 -5.33 -8.79
N ALA A 22 11.13 -6.06 -9.79
CA ALA A 22 9.79 -5.80 -10.28
C ALA A 22 8.79 -6.31 -9.26
N TRP A 23 7.69 -5.59 -9.07
CA TRP A 23 6.66 -6.06 -8.14
C TRP A 23 5.60 -6.92 -8.82
N TYR A 24 5.32 -6.60 -10.08
CA TYR A 24 4.19 -7.18 -10.80
C TYR A 24 4.56 -7.44 -12.25
N PHE A 25 3.76 -8.28 -12.90
CA PHE A 25 3.84 -8.49 -14.34
C PHE A 25 3.59 -7.20 -15.14
N SER A 26 4.35 -6.98 -16.20
CA SER A 26 4.08 -5.90 -17.16
C SER A 26 4.20 -6.48 -18.57
N PRO A 27 3.24 -6.14 -19.46
CA PRO A 27 3.21 -6.75 -20.81
C PRO A 27 4.19 -6.14 -21.80
N PHE A 28 5.48 -6.18 -21.47
CA PHE A 28 6.47 -5.77 -22.45
C PHE A 28 6.23 -6.66 -23.67
N PRO A 29 6.17 -6.06 -24.86
CA PRO A 29 5.66 -6.77 -26.05
C PRO A 29 6.59 -7.87 -26.59
N GLU A 30 6.01 -8.83 -27.31
CA GLU A 30 6.79 -9.86 -28.00
C GLU A 30 7.69 -10.63 -27.05
N ASP A 31 8.98 -10.70 -27.37
CA ASP A 31 9.93 -11.48 -26.58
C ASP A 31 10.44 -10.71 -25.37
N TYR A 32 10.29 -9.40 -25.42
CA TYR A 32 10.74 -8.58 -24.31
C TYR A 32 10.04 -8.94 -23.01
N GLY A 33 8.78 -9.35 -23.11
CA GLY A 33 8.01 -9.78 -21.95
C GLY A 33 8.51 -11.07 -21.33
N LYS A 34 9.38 -11.78 -22.03
CA LYS A 34 9.87 -13.07 -21.56
C LYS A 34 11.22 -12.96 -20.84
N GLN A 35 11.84 -11.78 -20.91
CA GLN A 35 13.17 -11.62 -20.35
C GLN A 35 13.10 -11.56 -18.83
N PRO A 36 14.12 -12.11 -18.15
CA PRO A 36 14.18 -12.03 -16.69
C PRO A 36 14.71 -10.66 -16.24
N LYS A 37 15.38 -9.97 -17.16
CA LYS A 37 15.84 -8.62 -16.87
C LYS A 37 15.75 -7.72 -18.09
N LEU A 38 15.30 -6.49 -17.89
CA LEU A 38 15.31 -5.50 -18.96
C LEU A 38 16.14 -4.32 -18.50
N TRP A 39 16.64 -3.56 -19.46
CA TRP A 39 17.45 -2.38 -19.18
C TRP A 39 16.74 -1.18 -19.77
N LEU A 40 16.48 -0.18 -18.93
CA LEU A 40 15.79 1.02 -19.38
C LEU A 40 16.68 2.24 -19.28
N CYS A 41 16.70 3.01 -20.37
CA CYS A 41 17.33 4.31 -20.35
C CYS A 41 16.56 5.18 -19.38
N GLU A 42 17.27 5.80 -18.44
CA GLU A 42 16.59 6.55 -17.38
C GLU A 42 15.98 7.86 -17.86
N TYR A 43 16.28 8.23 -19.10
CA TYR A 43 15.80 9.51 -19.63
C TYR A 43 14.73 9.35 -20.71
N CYS A 44 14.96 8.47 -21.68
CA CYS A 44 13.95 8.25 -22.71
C CYS A 44 13.16 6.96 -22.47
N LEU A 45 13.54 6.21 -21.44
CA LEU A 45 12.74 5.09 -20.95
C LEU A 45 12.60 3.91 -21.92
N LYS A 46 13.33 3.97 -23.04
CA LYS A 46 13.34 2.82 -23.94
C LYS A 46 13.91 1.58 -23.23
N TYR A 47 13.26 0.45 -23.45
CA TYR A 47 13.68 -0.81 -22.85
C TYR A 47 14.57 -1.62 -23.82
N MET A 48 15.46 -2.43 -23.27
CA MET A 48 16.40 -3.25 -24.05
C MET A 48 16.63 -4.56 -23.29
N LYS A 49 16.82 -5.66 -24.01
CA LYS A 49 17.00 -6.95 -23.34
C LYS A 49 18.48 -7.32 -23.11
N TYR A 50 19.38 -6.61 -23.79
CA TYR A 50 20.81 -6.91 -23.72
C TYR A 50 21.58 -5.78 -23.05
N GLU A 51 22.41 -6.15 -22.07
CA GLU A 51 23.26 -5.19 -21.38
C GLU A 51 24.09 -4.30 -22.31
N LYS A 52 24.66 -4.89 -23.35
CA LYS A 52 25.48 -4.13 -24.29
C LYS A 52 24.68 -3.06 -25.02
N SER A 53 23.43 -3.37 -25.34
CA SER A 53 22.54 -2.40 -25.94
C SER A 53 22.40 -1.20 -25.00
N TYR A 54 22.20 -1.50 -23.72
CA TYR A 54 22.09 -0.45 -22.71
C TYR A 54 23.37 0.38 -22.61
N ARG A 55 24.52 -0.29 -22.54
CA ARG A 55 25.79 0.42 -22.39
C ARG A 55 26.13 1.29 -23.59
N PHE A 56 25.79 0.82 -24.78
CA PHE A 56 26.02 1.63 -25.97
C PHE A 56 25.09 2.82 -25.90
N HIS A 57 23.82 2.54 -25.62
CA HIS A 57 22.80 3.57 -25.54
C HIS A 57 23.20 4.70 -24.57
N LEU A 58 23.88 4.34 -23.49
CA LEU A 58 24.31 5.30 -22.50
C LEU A 58 25.04 6.50 -23.12
N GLY A 59 25.93 6.20 -24.07
CA GLY A 59 26.77 7.23 -24.66
C GLY A 59 26.19 7.87 -25.91
N GLN A 60 25.18 7.23 -26.48
CA GLN A 60 24.54 7.72 -27.70
C GLN A 60 23.37 8.67 -27.43
N CYS A 61 22.44 8.24 -26.56
CA CYS A 61 21.26 9.02 -26.25
C CYS A 61 21.62 10.40 -25.69
N GLN A 62 21.04 11.44 -26.25
CA GLN A 62 21.36 12.80 -25.82
C GLN A 62 20.28 13.41 -24.92
N TRP A 63 19.35 12.59 -24.45
CA TRP A 63 18.32 13.04 -23.53
C TRP A 63 18.87 13.05 -22.10
N ARG A 64 18.66 14.15 -21.38
CA ARG A 64 19.03 14.21 -19.98
C ARG A 64 17.84 14.71 -19.16
N GLN A 65 16.66 14.56 -19.75
CA GLN A 65 15.40 14.90 -19.07
C GLN A 65 14.24 14.29 -19.86
N PRO A 66 13.04 14.28 -19.28
CA PRO A 66 11.85 13.85 -20.02
C PRO A 66 11.65 14.77 -21.21
N PRO A 67 10.91 14.31 -22.23
CA PRO A 67 10.54 15.24 -23.29
C PRO A 67 9.46 16.18 -22.76
N GLY A 68 8.78 16.90 -23.63
CA GLY A 68 7.74 17.79 -23.18
C GLY A 68 8.26 19.01 -22.42
N LYS A 69 7.40 19.60 -21.61
CA LYS A 69 7.64 20.90 -21.02
C LYS A 69 7.91 20.83 -19.52
N GLU A 70 8.98 21.47 -19.07
CA GLU A 70 9.21 21.64 -17.64
C GLU A 70 8.24 22.70 -17.12
N ILE A 71 7.25 22.29 -16.33
CA ILE A 71 6.24 23.25 -15.87
C ILE A 71 6.40 23.58 -14.39
N TYR A 72 7.32 22.89 -13.72
CA TYR A 72 7.56 23.11 -12.29
C TYR A 72 9.02 22.94 -11.98
N ARG A 73 9.55 23.86 -11.18
CA ARG A 73 10.93 23.84 -10.77
C ARG A 73 10.98 24.49 -9.40
N LYS A 74 11.35 23.69 -8.40
CA LYS A 74 11.62 24.27 -7.08
C LYS A 74 12.74 23.48 -6.45
N SER A 75 13.82 24.17 -6.09
CA SER A 75 15.00 23.51 -5.58
C SER A 75 15.42 22.41 -6.57
N ASN A 76 15.61 21.19 -6.09
CA ASN A 76 16.08 20.12 -6.95
C ASN A 76 14.98 19.22 -7.52
N ILE A 77 13.72 19.66 -7.47
CA ILE A 77 12.69 18.90 -8.18
C ILE A 77 12.02 19.67 -9.31
N SER A 78 11.81 18.98 -10.43
CA SER A 78 11.08 19.58 -11.54
C SER A 78 9.98 18.60 -12.00
N VAL A 79 8.91 19.16 -12.55
CA VAL A 79 7.88 18.32 -13.13
C VAL A 79 7.82 18.64 -14.61
N TYR A 80 7.75 17.59 -15.43
CA TYR A 80 7.62 17.78 -16.89
C TYR A 80 6.28 17.25 -17.39
N GLU A 81 5.57 18.10 -18.13
CA GLU A 81 4.27 17.71 -18.68
C GLU A 81 4.46 17.07 -20.05
N VAL A 82 3.99 15.83 -20.19
CA VAL A 82 4.17 15.10 -21.44
C VAL A 82 2.83 14.64 -22.00
N ASP A 83 2.46 15.21 -23.15
CA ASP A 83 1.19 14.88 -23.82
C ASP A 83 1.39 13.61 -24.61
N GLY A 84 0.54 12.61 -24.36
CA GLY A 84 0.66 11.30 -24.98
C GLY A 84 0.59 11.33 -26.50
N LYS A 85 -0.07 12.35 -27.05
CA LYS A 85 -0.15 12.51 -28.49
C LYS A 85 1.14 13.10 -29.10
N ASP A 86 1.87 13.91 -28.34
CA ASP A 86 3.14 14.49 -28.82
C ASP A 86 4.34 13.55 -28.70
N HIS A 87 4.36 12.70 -27.67
CA HIS A 87 5.49 11.82 -27.42
C HIS A 87 5.00 10.42 -27.09
N LYS A 88 4.30 9.82 -28.05
CA LYS A 88 3.64 8.53 -27.84
C LYS A 88 4.56 7.41 -27.36
N ILE A 89 5.74 7.26 -27.97
CA ILE A 89 6.60 6.14 -27.59
C ILE A 89 7.09 6.29 -26.14
N TYR A 90 7.62 7.47 -25.80
CA TYR A 90 8.01 7.74 -24.42
C TYR A 90 6.90 7.35 -23.45
N CYS A 91 5.69 7.78 -23.73
CA CYS A 91 4.57 7.54 -22.83
C CYS A 91 4.20 6.07 -22.75
N GLN A 92 4.28 5.34 -23.87
CA GLN A 92 4.02 3.91 -23.85
C GLN A 92 5.05 3.20 -22.99
N ASN A 93 6.30 3.65 -23.10
CA ASN A 93 7.39 3.06 -22.36
C ASN A 93 7.25 3.37 -20.87
N LEU A 94 6.82 4.59 -20.57
CA LEU A 94 6.51 4.98 -19.20
C LEU A 94 5.46 4.06 -18.59
N CYS A 95 4.38 3.83 -19.31
CA CYS A 95 3.31 2.96 -18.80
C CYS A 95 3.76 1.51 -18.54
N LEU A 96 4.59 0.98 -19.43
CA LEU A 96 5.16 -0.36 -19.24
C LEU A 96 6.08 -0.38 -18.02
N LEU A 97 6.87 0.67 -17.83
CA LEU A 97 7.68 0.81 -16.63
C LEU A 97 6.76 0.84 -15.40
N ALA A 98 5.76 1.70 -15.43
CA ALA A 98 4.83 1.85 -14.30
C ALA A 98 4.18 0.52 -13.93
N LYS A 99 3.79 -0.23 -14.95
CA LYS A 99 3.02 -1.45 -14.70
C LYS A 99 3.82 -2.48 -13.88
N LEU A 100 5.16 -2.38 -13.92
CA LEU A 100 6.01 -3.27 -13.13
C LEU A 100 5.83 -3.07 -11.64
N PHE A 101 5.30 -1.95 -11.31
CA PHE A 101 5.11 -1.64 -9.90
C PHE A 101 3.64 -1.34 -9.60
N LEU A 102 2.81 -1.36 -10.63
CA LEU A 102 1.38 -1.11 -10.47
C LEU A 102 0.56 -2.35 -10.76
N ASP A 103 -0.11 -2.89 -9.74
CA ASP A 103 -0.93 -4.07 -9.89
C ASP A 103 -2.09 -3.89 -10.85
N HIS A 104 -3.02 -2.85 -10.60
CA HIS A 104 -4.29 -2.61 -11.19
C HIS A 104 -4.29 -1.79 -12.45
N THR A 106 -4.14 -0.86 -16.47
CA THR A 106 -4.73 -1.62 -17.57
C THR A 106 -4.55 -1.19 -19.03
N LEU A 107 -4.51 0.09 -19.33
CA LEU A 107 -3.99 0.54 -20.61
C LEU A 107 -2.52 0.97 -20.49
N TYR A 108 -1.77 0.80 -21.58
CA TYR A 108 -0.36 1.16 -21.59
C TYR A 108 0.09 1.56 -22.99
N PHE A 109 -0.77 1.32 -23.97
CA PHE A 109 -0.45 1.66 -25.37
C PHE A 109 -1.33 2.75 -25.98
N ASP A 110 -2.59 2.82 -25.57
CA ASP A 110 -3.45 3.88 -26.06
C ASP A 110 -3.21 5.10 -25.20
N VAL A 111 -2.12 5.82 -25.48
CA VAL A 111 -1.66 6.94 -24.66
C VAL A 111 -2.11 8.32 -25.15
N GLU A 112 -2.54 8.41 -26.40
CA GLU A 112 -3.04 9.67 -26.97
C GLU A 112 -4.04 10.43 -26.07
N PRO A 113 -4.98 9.71 -25.43
CA PRO A 113 -5.95 10.42 -24.58
C PRO A 113 -5.39 10.89 -23.23
N PHE A 114 -4.10 10.72 -22.98
CA PHE A 114 -3.52 11.04 -21.68
C PHE A 114 -2.43 12.10 -21.74
N VAL A 115 -2.34 12.87 -20.66
CA VAL A 115 -1.18 13.69 -20.37
C VAL A 115 -0.48 13.08 -19.18
N PHE A 116 0.85 13.11 -19.20
CA PHE A 116 1.63 12.53 -18.12
C PHE A 116 2.49 13.59 -17.44
N TYR A 117 2.48 13.58 -16.12
CA TYR A 117 3.30 14.48 -15.32
C TYR A 117 4.41 13.71 -14.62
N ILE A 118 5.64 13.95 -15.09
CA ILE A 118 6.81 13.20 -14.69
C ILE A 118 7.57 13.98 -13.61
N LEU A 119 7.67 13.43 -12.41
CA LEU A 119 8.38 14.06 -11.31
C LEU A 119 9.84 13.66 -11.45
N THR A 120 10.74 14.64 -11.33
CA THR A 120 12.18 14.37 -11.48
C THR A 120 13.02 15.00 -10.38
N GLU A 121 14.08 14.31 -9.97
CA GLU A 121 15.14 14.92 -9.18
C GLU A 121 16.20 15.43 -10.14
N VAL A 122 16.60 16.68 -9.98
CA VAL A 122 17.51 17.31 -10.91
C VAL A 122 18.89 17.48 -10.29
N ASP A 123 19.91 17.01 -10.99
CA ASP A 123 21.28 17.31 -10.58
C ASP A 123 22.07 17.78 -11.80
N ARG A 124 23.38 17.86 -11.66
CA ARG A 124 24.20 18.35 -12.77
C ARG A 124 24.20 17.37 -13.94
N GLN A 125 23.94 16.10 -13.66
CA GLN A 125 23.92 15.09 -14.70
C GLN A 125 22.62 15.10 -15.50
N GLY A 126 21.53 15.54 -14.89
CA GLY A 126 20.24 15.63 -15.58
C GLY A 126 19.01 15.62 -14.67
N ALA A 127 17.83 15.40 -15.28
CA ALA A 127 16.57 15.31 -14.53
C ALA A 127 16.13 13.84 -14.44
N HIS A 128 16.15 13.27 -13.24
CA HIS A 128 15.96 11.82 -13.07
C HIS A 128 14.54 11.46 -12.59
N ILE A 129 13.86 10.65 -13.38
CA ILE A 129 12.48 10.28 -13.07
C ILE A 129 12.38 9.60 -11.69
N VAL A 130 11.42 10.04 -10.86
CA VAL A 130 11.22 9.39 -9.59
C VAL A 130 9.77 8.92 -9.45
N GLY A 131 8.91 9.41 -10.32
CA GLY A 131 7.51 9.02 -10.27
C GLY A 131 6.68 9.81 -11.26
N TYR A 132 5.38 9.58 -11.27
CA TYR A 132 4.53 10.26 -12.23
C TYR A 132 3.07 10.07 -11.86
N PHE A 133 2.19 10.82 -12.52
CA PHE A 133 0.79 10.43 -12.62
C PHE A 133 0.30 10.68 -14.03
N SER A 134 -0.69 9.92 -14.46
CA SER A 134 -1.30 10.11 -15.76
C SER A 134 -2.65 10.74 -15.52
N LYS A 135 -3.12 11.49 -16.51
CA LYS A 135 -4.37 12.22 -16.40
C LYS A 135 -5.04 12.11 -17.74
N GLU A 136 -6.29 11.66 -17.73
CA GLU A 136 -7.08 11.55 -18.94
C GLU A 136 -7.57 12.95 -19.35
N LYS A 137 -7.08 13.44 -20.48
CA LYS A 137 -7.41 14.78 -20.97
C LYS A 137 -8.90 15.08 -20.93
N GLU A 138 -9.69 14.13 -21.40
CA GLU A 138 -11.14 14.29 -21.44
C GLU A 138 -11.80 13.20 -20.62
N SER A 139 -11.87 13.43 -19.31
CA SER A 139 -12.53 12.49 -18.43
C SER A 139 -14.01 12.82 -18.36
N PRO A 140 -14.87 11.82 -18.60
CA PRO A 140 -16.32 12.02 -18.55
C PRO A 140 -16.82 12.11 -17.11
N ASP A 141 -16.01 11.63 -16.16
CA ASP A 141 -16.36 11.78 -14.75
C ASP A 141 -15.44 12.79 -14.06
N GLY A 142 -14.60 13.45 -14.83
CA GLY A 142 -13.73 14.49 -14.29
C GLY A 142 -12.65 13.95 -13.37
N ASN A 143 -12.14 12.76 -13.65
CA ASN A 143 -11.00 12.26 -12.90
C ASN A 143 -9.76 13.07 -13.20
N ASN A 144 -9.08 13.53 -12.15
CA ASN A 144 -7.90 14.36 -12.35
C ASN A 144 -6.60 13.58 -12.20
N VAL A 145 -6.73 12.27 -11.92
CA VAL A 145 -5.60 11.36 -11.91
C VAL A 145 -6.12 9.99 -12.33
N ALA A 146 -5.42 9.32 -13.23
CA ALA A 146 -5.77 7.96 -13.60
C ALA A 146 -4.92 7.00 -12.77
N CYS A 147 -3.61 7.02 -13.01
CA CYS A 147 -2.67 6.22 -12.20
C CYS A 147 -1.57 7.10 -11.61
N ILE A 148 -1.05 6.71 -10.44
CA ILE A 148 0.01 7.49 -9.81
C ILE A 148 1.04 6.55 -9.20
N LEU A 149 2.32 6.90 -9.31
CA LEU A 149 3.40 6.01 -8.89
C LEU A 149 4.69 6.75 -8.50
N THR A 150 5.24 6.37 -7.35
CA THR A 150 6.62 6.69 -7.01
C THR A 150 7.44 5.40 -7.20
N LEU A 151 8.56 5.50 -7.90
CA LEU A 151 9.41 4.33 -8.12
C LEU A 151 10.00 3.93 -6.77
N PRO A 152 10.13 2.61 -6.53
CA PRO A 152 10.51 2.06 -5.21
C PRO A 152 11.69 2.74 -4.48
N PRO A 153 12.81 2.99 -5.15
CA PRO A 153 13.93 3.56 -4.40
C PRO A 153 13.70 5.00 -3.92
N TYR A 154 12.62 5.63 -4.40
CA TYR A 154 12.31 7.01 -4.01
C TYR A 154 11.10 7.14 -3.10
N GLN A 155 10.54 5.99 -2.70
CA GLN A 155 9.32 5.96 -1.88
C GLN A 155 9.61 6.43 -0.44
N ARG A 156 8.55 6.77 0.29
CA ARG A 156 8.66 7.15 1.70
C ARG A 156 9.33 8.51 1.89
N ARG A 157 9.36 9.33 0.85
CA ARG A 157 10.00 10.63 0.92
C ARG A 157 9.02 11.78 0.67
N GLY A 158 7.74 11.44 0.51
CA GLY A 158 6.72 12.44 0.27
C GLY A 158 6.45 12.76 -1.20
N TYR A 159 7.06 11.99 -2.11
CA TYR A 159 6.89 12.27 -3.54
C TYR A 159 5.49 11.95 -4.01
N GLY A 160 4.89 10.93 -3.42
CA GLY A 160 3.53 10.54 -3.77
C GLY A 160 2.56 11.66 -3.41
N LYS A 161 2.70 12.18 -2.19
CA LYS A 161 1.81 13.24 -1.73
C LYS A 161 2.05 14.55 -2.48
N PHE A 162 3.30 14.79 -2.88
CA PHE A 162 3.60 15.90 -3.76
C PHE A 162 2.86 15.80 -5.09
N LEU A 163 2.97 14.65 -5.75
CA LEU A 163 2.27 14.44 -7.02
C LEU A 163 0.76 14.59 -6.86
N ILE A 164 0.22 14.08 -5.76
CA ILE A 164 -1.20 14.22 -5.49
C ILE A 164 -1.57 15.71 -5.30
N ALA A 165 -0.81 16.41 -4.47
CA ALA A 165 -1.02 17.85 -4.32
C ALA A 165 -0.94 18.54 -5.69
N PHE A 166 0.02 18.12 -6.51
CA PHE A 166 0.24 18.69 -7.83
C PHE A 166 -1.00 18.54 -8.71
N SER A 167 -1.59 17.35 -8.69
CA SER A 167 -2.78 17.08 -9.49
C SER A 167 -3.91 18.04 -9.10
N TYR A 168 -4.01 18.37 -7.82
CA TYR A 168 -5.06 19.32 -7.40
C TYR A 168 -4.71 20.77 -7.77
N GLU A 169 -3.42 21.08 -7.84
CA GLU A 169 -3.02 22.42 -8.26
C GLU A 169 -3.41 22.61 -9.73
N LEU A 170 -3.25 21.56 -10.54
CA LEU A 170 -3.76 21.61 -11.91
C LEU A 170 -5.27 21.80 -11.93
N SER A 171 -6.00 21.00 -11.14
CA SER A 171 -7.47 21.13 -11.11
C SER A 171 -7.92 22.54 -10.69
N LYS A 172 -7.22 23.12 -9.73
CA LYS A 172 -7.52 24.48 -9.29
C LYS A 172 -7.40 25.48 -10.45
N LEU A 173 -6.35 25.36 -11.24
CA LEU A 173 -6.17 26.28 -12.34
C LEU A 173 -7.22 26.06 -13.41
N GLU A 174 -7.77 24.84 -13.45
CA GLU A 174 -8.85 24.50 -14.37
C GLU A 174 -10.19 24.91 -13.75
N SER A 175 -10.13 25.44 -12.54
CA SER A 175 -11.32 25.83 -11.80
C SER A 175 -12.38 24.74 -11.79
N THR A 176 -11.96 23.52 -11.47
CA THR A 176 -12.90 22.40 -11.34
C THR A 176 -12.48 21.51 -10.18
N VAL A 177 -13.38 20.63 -9.77
CA VAL A 177 -13.01 19.60 -8.82
C VAL A 177 -12.61 18.39 -9.64
N GLY A 178 -11.93 17.47 -9.00
CA GLY A 178 -11.46 16.27 -9.66
C GLY A 178 -11.14 15.21 -8.61
N SER A 179 -11.17 13.95 -9.03
CA SER A 179 -10.90 12.86 -8.09
C SER A 179 -10.09 11.78 -8.81
N PRO A 180 -9.25 11.04 -8.07
CA PRO A 180 -8.54 9.95 -8.76
C PRO A 180 -9.53 8.90 -9.27
N GLU A 181 -9.16 8.23 -10.35
CA GLU A 181 -10.01 7.20 -10.94
C GLU A 181 -9.68 5.85 -10.33
N LYS A 182 -10.69 5.17 -9.81
CA LYS A 182 -10.50 3.82 -9.32
C LYS A 182 -10.02 2.96 -10.49
N PRO A 183 -9.05 2.07 -10.26
CA PRO A 183 -8.45 1.82 -8.95
C PRO A 183 -7.12 2.54 -8.79
N LEU A 184 -6.69 2.63 -7.55
CA LEU A 184 -5.39 3.18 -7.17
C LEU A 184 -4.63 2.07 -6.44
N SER A 185 -3.31 2.12 -6.50
CA SER A 185 -2.47 1.24 -5.71
C SER A 185 -2.79 1.44 -4.23
N ASP A 186 -2.52 0.44 -3.39
CA ASP A 186 -2.81 0.56 -1.95
C ASP A 186 -1.98 1.67 -1.30
N LEU A 187 -0.77 1.87 -1.81
CA LEU A 187 0.08 2.96 -1.35
C LEU A 187 -0.55 4.32 -1.73
N GLY A 188 -1.06 4.41 -2.95
CA GLY A 188 -1.80 5.57 -3.38
C GLY A 188 -3.02 5.86 -2.51
N LYS A 189 -3.78 4.82 -2.19
CA LYS A 189 -4.91 4.93 -1.28
C LYS A 189 -4.52 5.62 0.03
N LEU A 190 -3.42 5.20 0.64
CA LEU A 190 -2.98 5.78 1.91
C LEU A 190 -2.47 7.22 1.73
N SER A 191 -1.80 7.50 0.62
CA SER A 191 -1.28 8.85 0.39
C SER A 191 -2.41 9.88 0.20
N TYR A 192 -3.43 9.51 -0.57
CA TYR A 192 -4.65 10.30 -0.66
C TYR A 192 -5.30 10.56 0.70
N ARG A 193 -5.52 9.50 1.49
CA ARG A 193 -6.16 9.69 2.78
C ARG A 193 -5.35 10.69 3.59
N SER A 194 -4.03 10.51 3.59
CA SER A 194 -3.16 11.35 4.39
C SER A 194 -3.12 12.79 3.87
N TYR A 195 -3.03 12.94 2.56
CA TYR A 195 -3.02 14.27 1.96
C TYR A 195 -4.35 15.02 2.16
N TRP A 196 -5.47 14.36 1.85
CA TRP A 196 -6.78 14.96 2.07
C TRP A 196 -6.99 15.42 3.52
N SER A 197 -6.69 14.52 4.46
CA SER A 197 -6.86 14.81 5.89
C SER A 197 -6.07 16.02 6.33
N TRP A 198 -4.79 16.06 5.94
CA TRP A 198 -3.95 17.21 6.29
C TRP A 198 -4.53 18.50 5.73
N VAL A 199 -4.81 18.50 4.43
CA VAL A 199 -5.31 19.69 3.74
C VAL A 199 -6.58 20.23 4.40
N LEU A 200 -7.53 19.35 4.69
CA LEU A 200 -8.78 19.74 5.32
C LEU A 200 -8.55 20.21 6.77
N LEU A 201 -7.70 19.50 7.52
CA LEU A 201 -7.39 19.91 8.88
C LEU A 201 -6.70 21.29 8.93
N GLU A 202 -5.84 21.57 7.95
CA GLU A 202 -5.18 22.87 7.81
C GLU A 202 -6.22 23.97 7.68
N ILE A 203 -7.13 23.83 6.83
CA ILE A 203 -8.25 24.74 6.66
C ILE A 203 -9.19 24.77 7.86
N LEU A 204 -9.67 23.72 8.37
CA LEU A 204 -10.59 23.75 9.49
C LEU A 204 -9.93 24.29 10.76
N ARG A 205 -8.61 24.29 10.77
CA ARG A 205 -7.86 24.85 11.88
C ARG A 205 -7.87 26.38 11.77
N ASP A 206 -7.75 26.90 10.55
CA ASP A 206 -7.54 28.33 10.29
C ASP A 206 -8.83 29.09 10.07
N PHE A 207 -9.88 28.36 9.71
CA PHE A 207 -11.18 28.97 9.50
C PHE A 207 -12.11 28.64 10.68
N ARG A 208 -11.56 28.02 11.71
CA ARG A 208 -12.33 27.65 12.88
C ARG A 208 -13.54 26.81 12.47
N GLY A 209 -13.40 26.11 11.35
CA GLY A 209 -14.44 25.23 10.82
C GLY A 209 -15.76 25.91 10.49
N THR A 210 -15.71 27.13 9.97
CA THR A 210 -16.93 27.90 9.70
C THR A 210 -17.33 27.89 8.21
N LEU A 211 -16.91 26.85 7.49
CA LEU A 211 -17.19 26.74 6.06
C LEU A 211 -18.04 25.52 5.76
N SER A 212 -18.74 25.55 4.63
CA SER A 212 -19.53 24.40 4.21
C SER A 212 -18.66 23.43 3.41
N ILE A 213 -19.20 22.24 3.16
CA ILE A 213 -18.55 21.24 2.32
C ILE A 213 -18.23 21.82 0.94
N LYS A 214 -19.21 22.54 0.37
CA LYS A 214 -19.06 23.19 -0.92
C LYS A 214 -17.88 24.16 -0.92
N ASP A 215 -17.81 24.99 0.12
CA ASP A 215 -16.69 25.89 0.29
C ASP A 215 -15.36 25.15 0.23
N LEU A 216 -15.24 24.10 1.04
CA LEU A 216 -14.00 23.34 1.09
C LEU A 216 -13.68 22.83 -0.30
N SER A 217 -14.70 22.37 -0.99
CA SER A 217 -14.54 21.84 -2.33
C SER A 217 -13.91 22.87 -3.26
N GLN A 218 -14.39 24.10 -3.15
CA GLN A 218 -13.91 25.19 -4.02
C GLN A 218 -12.49 25.61 -3.69
N MET A 219 -12.16 25.58 -2.40
CA MET A 219 -10.84 25.98 -1.95
C MET A 219 -9.75 24.96 -2.30
N THR A 220 -10.12 23.67 -2.41
CA THR A 220 -9.12 22.61 -2.55
C THR A 220 -9.19 21.83 -3.88
N SER A 221 -10.33 21.92 -4.56
CA SER A 221 -10.61 21.12 -5.76
C SER A 221 -10.80 19.63 -5.44
N ILE A 222 -10.86 19.29 -4.17
CA ILE A 222 -11.26 17.95 -3.76
C ILE A 222 -12.78 17.89 -3.90
N THR A 223 -13.29 16.85 -4.55
CA THR A 223 -14.74 16.70 -4.71
C THR A 223 -15.46 16.63 -3.37
N GLN A 224 -16.74 16.99 -3.36
CA GLN A 224 -17.52 16.93 -2.13
C GLN A 224 -17.62 15.51 -1.56
N ASN A 225 -17.78 14.53 -2.44
CA ASN A 225 -17.79 13.15 -1.96
C ASN A 225 -16.51 12.79 -1.21
N ASP A 226 -15.36 13.17 -1.76
CA ASP A 226 -14.08 12.84 -1.14
C ASP A 226 -13.84 13.63 0.14
N ILE A 227 -14.34 14.86 0.17
CA ILE A 227 -14.26 15.63 1.40
C ILE A 227 -15.11 14.94 2.47
N ILE A 228 -16.34 14.60 2.12
CA ILE A 228 -17.21 13.93 3.08
C ILE A 228 -16.57 12.64 3.57
N SER A 229 -16.08 11.83 2.65
CA SER A 229 -15.44 10.56 3.00
C SER A 229 -14.28 10.78 3.98
N THR A 230 -13.44 11.78 3.70
CA THR A 230 -12.33 12.09 4.57
C THR A 230 -12.79 12.57 5.95
N LEU A 231 -13.79 13.44 5.95
CA LEU A 231 -14.30 13.96 7.22
C LEU A 231 -14.95 12.85 8.04
N GLN A 232 -15.55 11.86 7.37
CA GLN A 232 -16.10 10.71 8.10
C GLN A 232 -15.01 9.90 8.78
N SER A 233 -13.93 9.66 8.06
CA SER A 233 -12.84 8.90 8.63
C SER A 233 -12.21 9.67 9.77
N LEU A 234 -12.40 11.00 9.77
CA LEU A 234 -11.88 11.84 10.86
C LEU A 234 -12.92 12.05 11.94
N ASN A 235 -14.11 11.50 11.73
CA ASN A 235 -15.24 11.73 12.63
C ASN A 235 -15.52 13.23 12.83
N MET A 236 -15.59 13.96 11.72
CA MET A 236 -15.83 15.40 11.75
C MET A 236 -16.95 15.83 10.84
N VAL A 237 -17.85 14.91 10.52
CA VAL A 237 -19.00 15.23 9.69
C VAL A 237 -20.19 14.37 10.10
N LYS A 238 -21.39 14.93 9.98
CA LYS A 238 -22.62 14.25 10.39
C LYS A 238 -23.70 14.49 9.34
N TYR A 239 -24.50 13.48 9.05
CA TYR A 239 -25.63 13.68 8.14
C TYR A 239 -26.81 14.28 8.90
N TRP A 240 -26.93 15.61 8.86
CA TRP A 240 -28.19 16.22 9.25
C TRP A 240 -29.15 15.63 8.23
N LYS A 241 -30.37 15.34 8.64
CA LYS A 241 -31.21 14.42 7.86
C LYS A 241 -31.38 14.71 6.36
N GLY A 242 -31.00 15.91 5.93
CA GLY A 242 -31.04 16.25 4.51
C GLY A 242 -29.68 16.40 3.85
N GLN A 243 -28.68 16.84 4.61
CA GLN A 243 -27.36 17.12 4.06
C GLN A 243 -26.24 16.83 5.06
N HIS A 244 -25.00 16.86 4.58
CA HIS A 244 -23.85 16.59 5.44
C HIS A 244 -23.35 17.88 6.10
N VAL A 245 -23.24 17.87 7.42
CA VAL A 245 -22.75 19.03 8.12
C VAL A 245 -21.43 18.77 8.81
N ILE A 246 -20.53 19.75 8.76
CA ILE A 246 -19.25 19.65 9.41
C ILE A 246 -19.38 19.85 10.92
N CYS A 247 -18.96 18.85 11.68
CA CYS A 247 -18.97 18.92 13.13
C CYS A 247 -17.56 18.82 13.65
N VAL A 248 -16.95 19.97 13.87
CA VAL A 248 -15.57 20.01 14.30
C VAL A 248 -15.47 20.67 15.67
N THR A 249 -14.49 20.23 16.44
CA THR A 249 -14.22 20.79 17.75
C THR A 249 -12.71 21.01 17.89
N PRO A 250 -12.31 21.98 18.71
CA PRO A 250 -10.89 22.27 18.91
C PRO A 250 -10.12 21.02 19.32
N LYS A 251 -10.70 20.26 20.25
CA LYS A 251 -10.10 19.00 20.71
C LYS A 251 -9.85 18.03 19.57
N LEU A 252 -10.87 17.77 18.75
CA LEU A 252 -10.74 16.86 17.61
C LEU A 252 -9.58 17.25 16.70
N VAL A 253 -9.57 18.52 16.28
CA VAL A 253 -8.58 18.99 15.33
C VAL A 253 -7.15 19.03 15.88
N GLU A 254 -7.02 19.43 17.13
CA GLU A 254 -5.71 19.51 17.75
C GLU A 254 -5.10 18.13 17.96
N GLU A 255 -5.88 17.21 18.53
CA GLU A 255 -5.39 15.87 18.82
C GLU A 255 -5.24 15.03 17.55
N HIS A 256 -5.74 15.53 16.43
CA HIS A 256 -5.49 14.88 15.15
C HIS A 256 -4.21 15.39 14.55
N LEU A 257 -4.05 16.70 14.53
CA LEU A 257 -2.84 17.31 14.00
C LEU A 257 -1.65 16.94 14.86
N LYS A 258 -1.91 16.39 16.04
CA LYS A 258 -0.82 15.93 16.90
C LYS A 258 -0.38 14.52 16.54
N SER A 259 -1.26 13.53 16.73
CA SER A 259 -0.94 12.17 16.31
C SER A 259 -0.12 12.23 15.02
N ALA A 260 1.11 11.70 15.09
CA ALA A 260 2.02 11.77 13.94
C ALA A 260 1.40 11.16 12.69
N GLN A 261 0.39 10.31 12.90
CA GLN A 261 -0.41 9.77 11.81
C GLN A 261 -0.76 10.83 10.77
N TYR A 262 -1.17 12.00 11.24
CA TYR A 262 -1.47 13.11 10.33
C TYR A 262 -0.39 14.18 10.40
N LYS A 263 0.53 14.13 9.42
CA LYS A 263 1.61 15.11 9.34
C LYS A 263 1.60 15.84 8.00
N LYS A 264 2.00 17.11 8.04
CA LYS A 264 2.21 17.85 6.81
C LYS A 264 3.06 17.00 5.85
N PRO A 265 2.74 17.06 4.55
CA PRO A 265 3.60 16.40 3.57
C PRO A 265 4.98 17.03 3.66
N PRO A 266 6.05 16.24 3.55
CA PRO A 266 7.36 16.89 3.67
C PRO A 266 7.65 17.78 2.47
N ILE A 267 7.01 17.51 1.33
CA ILE A 267 7.20 18.34 0.14
C ILE A 267 5.85 18.87 -0.35
N THR A 268 5.76 20.19 -0.52
CA THR A 268 4.50 20.78 -0.93
C THR A 268 4.68 21.53 -2.23
N VAL A 269 3.58 21.76 -2.92
CA VAL A 269 3.64 22.43 -4.20
C VAL A 269 3.56 23.95 -4.00
N ASP A 270 4.53 24.66 -4.56
CA ASP A 270 4.53 26.12 -4.53
C ASP A 270 3.93 26.63 -5.83
N SER A 271 2.71 27.16 -5.76
CA SER A 271 2.01 27.74 -6.91
C SER A 271 2.86 28.71 -7.74
N VAL A 272 3.71 29.49 -7.09
CA VAL A 272 4.52 30.45 -7.83
C VAL A 272 5.55 29.75 -8.69
N CYS A 273 5.88 28.51 -8.33
CA CYS A 273 6.89 27.77 -9.10
C CYS A 273 6.27 26.95 -10.24
N LEU A 274 4.95 27.03 -10.35
CA LEU A 274 4.24 26.32 -11.39
C LEU A 274 3.93 27.28 -12.52
N LYS A 275 4.51 27.01 -13.68
CA LYS A 275 4.24 27.82 -14.85
C LYS A 275 3.40 27.00 -15.81
N TRP A 276 2.09 27.20 -15.76
CA TRP A 276 1.18 26.34 -16.49
C TRP A 276 -0.21 26.93 -16.52
N ALA A 277 -0.90 26.69 -17.63
CA ALA A 277 -2.34 26.89 -17.65
C ALA A 277 -2.96 25.76 -18.46
N PRO A 278 -4.26 25.49 -18.24
CA PRO A 278 -4.94 24.52 -19.09
C PRO A 278 -4.96 24.98 -20.55
N PRO A 279 -5.13 24.03 -21.47
CA PRO A 279 -5.16 24.33 -22.90
C PRO A 279 -6.23 25.37 -23.24
N LYS A 280 -5.94 26.25 -24.20
CA LYS A 280 -6.96 27.10 -24.83
C LYS A 280 -6.34 28.30 -25.57
N LYS B 8 -21.80 -9.76 -7.98
CA LYS B 8 -21.94 -8.76 -6.93
C LYS B 8 -20.76 -8.82 -5.97
N TYR B 9 -20.46 -7.69 -5.33
CA TYR B 9 -19.37 -7.59 -4.36
C TYR B 9 -19.89 -6.95 -3.07
N VAL B 10 -19.33 -7.39 -1.94
CA VAL B 10 -19.59 -6.75 -0.67
C VAL B 10 -18.90 -5.39 -0.66
N ASP B 11 -19.68 -4.31 -0.62
CA ASP B 11 -19.15 -2.96 -0.72
C ASP B 11 -18.60 -2.45 0.60
N LYS B 12 -19.21 -2.90 1.69
CA LYS B 12 -18.78 -2.46 3.01
C LYS B 12 -19.29 -3.39 4.09
N ILE B 13 -18.71 -3.24 5.26
CA ILE B 13 -19.12 -4.02 6.41
C ILE B 13 -19.36 -3.10 7.57
N HIS B 14 -20.26 -3.52 8.44
CA HIS B 14 -20.42 -2.87 9.72
C HIS B 14 -19.78 -3.79 10.75
N ILE B 15 -18.70 -3.33 11.38
CA ILE B 15 -18.05 -4.13 12.41
C ILE B 15 -17.75 -3.29 13.64
N GLY B 16 -18.43 -3.58 14.74
CA GLY B 16 -18.33 -2.79 15.94
C GLY B 16 -18.85 -1.39 15.72
N ASN B 17 -18.04 -0.39 16.07
CA ASN B 17 -18.47 0.99 15.96
C ASN B 17 -18.01 1.64 14.66
N TYR B 18 -17.66 0.82 13.67
CA TYR B 18 -17.24 1.31 12.37
C TYR B 18 -17.99 0.68 11.21
N GLU B 19 -18.29 1.49 10.20
CA GLU B 19 -18.67 0.97 8.91
C GLU B 19 -17.48 1.18 7.97
N ILE B 20 -16.99 0.09 7.39
CA ILE B 20 -15.73 0.12 6.64
C ILE B 20 -15.94 -0.28 5.20
N ASP B 21 -15.44 0.55 4.29
CA ASP B 21 -15.51 0.27 2.85
C ASP B 21 -14.61 -0.89 2.55
N ALA B 22 -15.12 -1.91 1.86
CA ALA B 22 -14.29 -3.06 1.48
C ALA B 22 -13.31 -2.62 0.41
N TRP B 23 -12.11 -3.18 0.45
CA TRP B 23 -11.15 -2.84 -0.60
C TRP B 23 -11.18 -3.83 -1.73
N TYR B 24 -11.45 -5.09 -1.41
CA TYR B 24 -11.33 -6.19 -2.37
C TYR B 24 -12.45 -7.25 -2.21
N PHE B 25 -12.67 -8.01 -3.28
CA PHE B 25 -13.57 -9.16 -3.23
C PHE B 25 -13.13 -10.10 -2.10
N SER B 26 -14.11 -10.74 -1.45
CA SER B 26 -13.85 -11.79 -0.46
C SER B 26 -14.89 -12.93 -0.60
N PRO B 27 -14.44 -14.20 -0.62
CA PRO B 27 -15.41 -15.23 -1.01
C PRO B 27 -16.34 -15.66 0.11
N PHE B 28 -17.06 -14.72 0.71
CA PHE B 28 -18.09 -15.08 1.67
C PHE B 28 -19.05 -16.03 0.92
N PRO B 29 -19.42 -17.15 1.56
CA PRO B 29 -20.11 -18.24 0.86
C PRO B 29 -21.51 -17.90 0.34
N GLU B 30 -21.82 -18.42 -0.84
CA GLU B 30 -23.18 -18.40 -1.39
C GLU B 30 -23.79 -17.00 -1.49
N ASP B 31 -24.99 -16.85 -0.95
CA ASP B 31 -25.71 -15.58 -0.98
C ASP B 31 -24.92 -14.45 -0.30
N TYR B 32 -24.17 -14.79 0.74
CA TYR B 32 -23.42 -13.80 1.50
C TYR B 32 -22.44 -13.03 0.62
N GLY B 33 -21.77 -13.72 -0.30
CA GLY B 33 -20.84 -13.08 -1.19
C GLY B 33 -21.46 -12.11 -2.18
N LYS B 34 -22.78 -12.01 -2.17
CA LYS B 34 -23.49 -11.17 -3.15
C LYS B 34 -24.16 -9.98 -2.50
N GLN B 35 -24.09 -9.90 -1.17
CA GLN B 35 -24.65 -8.78 -0.44
C GLN B 35 -23.80 -7.50 -0.61
N PRO B 36 -24.47 -6.34 -0.73
CA PRO B 36 -23.78 -5.05 -0.80
C PRO B 36 -23.16 -4.70 0.55
N LYS B 37 -23.78 -5.15 1.63
CA LYS B 37 -23.27 -4.92 2.98
C LYS B 37 -23.42 -6.14 3.90
N LEU B 38 -22.39 -6.42 4.69
CA LEU B 38 -22.49 -7.44 5.73
C LEU B 38 -22.23 -6.82 7.10
N TRP B 39 -22.78 -7.46 8.12
CA TRP B 39 -22.59 -7.05 9.50
C TRP B 39 -21.77 -8.12 10.20
N LEU B 40 -20.68 -7.71 10.84
CA LEU B 40 -19.82 -8.64 11.55
C LEU B 40 -19.78 -8.28 13.02
N CYS B 41 -19.98 -9.27 13.88
CA CYS B 41 -19.78 -9.10 15.31
C CYS B 41 -18.30 -8.77 15.54
N GLU B 42 -18.02 -7.73 16.30
CA GLU B 42 -16.64 -7.28 16.42
C GLU B 42 -15.79 -8.22 17.27
N TYR B 43 -16.43 -9.11 18.01
CA TYR B 43 -15.68 -10.01 18.89
C TYR B 43 -15.50 -11.43 18.35
N CYS B 44 -16.59 -12.05 17.88
CA CYS B 44 -16.49 -13.40 17.34
C CYS B 44 -16.43 -13.41 15.80
N LEU B 45 -16.61 -12.23 15.19
CA LEU B 45 -16.39 -12.09 13.75
C LEU B 45 -17.39 -12.80 12.84
N LYS B 46 -18.48 -13.32 13.38
CA LYS B 46 -19.49 -13.93 12.53
C LYS B 46 -20.16 -12.87 11.62
N TYR B 47 -20.31 -13.21 10.35
CA TYR B 47 -20.93 -12.30 9.39
C TYR B 47 -22.43 -12.62 9.28
N MET B 48 -23.23 -11.60 8.97
CA MET B 48 -24.67 -11.74 8.78
C MET B 48 -25.08 -10.77 7.68
N LYS B 49 -26.18 -11.07 7.00
CA LYS B 49 -26.64 -10.19 5.92
C LYS B 49 -27.74 -9.19 6.30
N TYR B 50 -28.37 -9.36 7.46
CA TYR B 50 -29.44 -8.44 7.88
C TYR B 50 -29.07 -7.66 9.13
N GLU B 51 -29.37 -6.35 9.14
CA GLU B 51 -29.14 -5.49 10.29
C GLU B 51 -29.81 -6.01 11.56
N LYS B 52 -31.04 -6.52 11.43
CA LYS B 52 -31.75 -7.02 12.61
C LYS B 52 -30.99 -8.19 13.22
N SER B 53 -30.50 -9.09 12.37
CA SER B 53 -29.68 -10.20 12.84
C SER B 53 -28.52 -9.67 13.68
N TYR B 54 -27.91 -8.59 13.21
CA TYR B 54 -26.77 -8.01 13.92
C TYR B 54 -27.20 -7.37 15.23
N ARG B 55 -28.31 -6.63 15.21
CA ARG B 55 -28.80 -5.97 16.42
C ARG B 55 -29.15 -6.95 17.53
N PHE B 56 -29.68 -8.11 17.16
CA PHE B 56 -30.03 -9.15 18.12
C PHE B 56 -28.77 -9.84 18.64
N HIS B 57 -27.85 -10.14 17.72
CA HIS B 57 -26.58 -10.72 18.11
C HIS B 57 -25.79 -9.82 19.07
N LEU B 58 -25.89 -8.51 18.87
CA LEU B 58 -25.23 -7.55 19.74
C LEU B 58 -25.60 -7.81 21.20
N GLY B 59 -26.87 -8.12 21.45
CA GLY B 59 -27.36 -8.33 22.80
C GLY B 59 -27.13 -9.74 23.33
N GLN B 60 -26.90 -10.68 22.42
CA GLN B 60 -26.81 -12.09 22.80
C GLN B 60 -25.37 -12.58 22.98
N CYS B 61 -24.48 -12.14 22.10
CA CYS B 61 -23.10 -12.62 22.11
C CYS B 61 -22.39 -12.21 23.40
N GLN B 62 -21.57 -13.11 23.93
CA GLN B 62 -20.91 -12.89 25.21
C GLN B 62 -19.43 -12.59 25.06
N TRP B 63 -18.89 -12.79 23.86
CA TRP B 63 -17.46 -12.56 23.67
C TRP B 63 -17.13 -11.09 23.73
N ARG B 64 -16.03 -10.77 24.41
CA ARG B 64 -15.54 -9.39 24.49
C ARG B 64 -14.05 -9.34 24.16
N GLN B 65 -13.57 -10.39 23.50
CA GLN B 65 -12.15 -10.52 23.13
C GLN B 65 -12.08 -11.70 22.17
N PRO B 66 -10.96 -11.84 21.44
CA PRO B 66 -10.76 -13.06 20.65
C PRO B 66 -10.72 -14.31 21.53
N PRO B 67 -11.06 -15.48 20.96
CA PRO B 67 -10.89 -16.72 21.72
C PRO B 67 -9.39 -16.93 21.91
N GLY B 68 -8.97 -18.10 22.36
CA GLY B 68 -7.56 -18.38 22.47
C GLY B 68 -6.91 -17.71 23.67
N LYS B 69 -5.59 -17.52 23.60
CA LYS B 69 -4.83 -17.07 24.76
C LYS B 69 -4.18 -15.68 24.59
N GLU B 70 -4.36 -14.82 25.58
CA GLU B 70 -3.65 -13.55 25.63
C GLU B 70 -2.19 -13.79 25.97
N ILE B 71 -1.28 -13.45 25.05
CA ILE B 71 0.14 -13.75 25.24
C ILE B 71 1.01 -12.51 25.25
N TYR B 72 0.38 -11.34 25.15
CA TYR B 72 1.07 -10.06 25.20
C TYR B 72 0.08 -9.02 25.67
N ARG B 73 0.52 -8.16 26.57
CA ARG B 73 -0.27 -7.04 27.03
C ARG B 73 0.67 -5.92 27.47
N LYS B 74 0.50 -4.75 26.87
CA LYS B 74 1.22 -3.57 27.30
C LYS B 74 0.39 -2.34 26.97
N SER B 75 0.16 -1.50 27.98
CA SER B 75 -0.71 -0.35 27.83
C SER B 75 -2.07 -0.83 27.33
N ASN B 76 -2.61 -0.18 26.32
CA ASN B 76 -3.94 -0.56 25.85
C ASN B 76 -3.95 -1.57 24.69
N ILE B 77 -2.83 -2.23 24.43
CA ILE B 77 -2.82 -3.24 23.37
C ILE B 77 -2.48 -4.65 23.86
N SER B 78 -3.16 -5.64 23.31
CA SER B 78 -2.97 -7.04 23.66
C SER B 78 -2.87 -7.88 22.40
N VAL B 79 -2.12 -8.98 22.46
CA VAL B 79 -2.13 -9.94 21.35
C VAL B 79 -2.74 -11.27 21.84
N TYR B 80 -3.61 -11.89 21.21
CA TYR B 80 -4.21 -13.22 21.36
C TYR B 80 -3.70 -14.18 20.29
N GLU B 81 -3.33 -15.31 20.81
CA GLU B 81 -2.89 -16.40 19.95
C GLU B 81 -4.07 -17.35 19.74
N VAL B 82 -4.45 -17.57 18.49
CA VAL B 82 -5.59 -18.43 18.18
C VAL B 82 -5.20 -19.56 17.23
N ASP B 83 -5.19 -20.78 17.74
CA ASP B 83 -4.85 -21.95 16.95
C ASP B 83 -6.03 -22.29 16.02
N GLY B 84 -5.77 -22.34 14.71
CA GLY B 84 -6.81 -22.68 13.75
C GLY B 84 -7.48 -24.02 14.07
N LYS B 85 -6.73 -24.92 14.71
CA LYS B 85 -7.23 -26.22 15.19
C LYS B 85 -8.37 -26.06 16.18
N ASP B 86 -8.14 -25.24 17.21
CA ASP B 86 -9.05 -25.09 18.36
C ASP B 86 -10.26 -24.20 18.12
N HIS B 87 -10.15 -23.28 17.15
CA HIS B 87 -11.21 -22.31 16.92
C HIS B 87 -11.36 -22.10 15.43
N LYS B 88 -11.89 -23.12 14.76
CA LYS B 88 -11.96 -23.12 13.31
C LYS B 88 -12.83 -21.99 12.78
N ILE B 89 -14.04 -21.88 13.32
CA ILE B 89 -15.04 -20.94 12.80
C ILE B 89 -14.53 -19.49 12.91
N TYR B 90 -14.11 -19.11 14.11
CA TYR B 90 -13.48 -17.80 14.32
C TYR B 90 -12.44 -17.52 13.24
N CYS B 91 -11.51 -18.45 13.04
CA CYS B 91 -10.40 -18.24 12.12
C CYS B 91 -10.81 -18.18 10.64
N GLN B 92 -11.82 -18.95 10.25
CA GLN B 92 -12.35 -18.85 8.90
C GLN B 92 -12.99 -17.47 8.74
N ASN B 93 -13.75 -17.05 9.74
CA ASN B 93 -14.40 -15.75 9.68
C ASN B 93 -13.40 -14.61 9.65
N LEU B 94 -12.26 -14.81 10.32
CA LEU B 94 -11.16 -13.84 10.31
C LEU B 94 -10.54 -13.72 8.91
N CYS B 95 -10.35 -14.87 8.25
CA CYS B 95 -9.73 -14.89 6.94
C CYS B 95 -10.60 -14.22 5.89
N LEU B 96 -11.91 -14.42 6.00
CA LEU B 96 -12.87 -13.78 5.09
C LEU B 96 -12.89 -12.26 5.33
N LEU B 97 -12.91 -11.86 6.60
CA LEU B 97 -12.75 -10.46 6.96
C LEU B 97 -11.50 -9.89 6.33
N ALA B 98 -10.37 -10.57 6.53
CA ALA B 98 -9.06 -10.10 6.07
C ALA B 98 -9.04 -9.94 4.56
N LYS B 99 -9.69 -10.88 3.86
CA LYS B 99 -9.65 -10.86 2.41
C LYS B 99 -10.32 -9.60 1.81
N LEU B 100 -11.27 -8.99 2.52
CA LEU B 100 -11.87 -7.71 2.08
C LEU B 100 -10.82 -6.60 1.95
N PHE B 101 -9.70 -6.78 2.64
CA PHE B 101 -8.62 -5.78 2.67
C PHE B 101 -7.26 -6.27 2.13
N LEU B 102 -7.13 -7.56 1.88
CA LEU B 102 -5.89 -8.09 1.30
C LEU B 102 -6.18 -8.57 -0.11
N ASP B 103 -5.50 -8.04 -1.11
CA ASP B 103 -5.73 -8.42 -2.51
C ASP B 103 -5.39 -9.89 -2.86
N HIS B 104 -4.18 -10.27 -2.38
CA HIS B 104 -3.50 -11.49 -2.74
C HIS B 104 -3.69 -12.63 -1.76
N THR B 106 -5.13 -15.97 -0.43
CA THR B 106 -5.66 -17.10 -1.21
C THR B 106 -6.22 -18.31 -0.43
N LEU B 107 -6.16 -18.28 0.90
CA LEU B 107 -6.64 -19.36 1.74
C LEU B 107 -7.49 -18.85 2.87
N TYR B 108 -8.64 -19.44 3.07
CA TYR B 108 -9.59 -18.87 4.03
C TYR B 108 -10.29 -19.92 4.90
N PHE B 109 -10.31 -21.17 4.44
CA PHE B 109 -11.17 -22.14 5.08
C PHE B 109 -10.45 -23.31 5.75
N ASP B 110 -9.36 -23.79 5.14
CA ASP B 110 -8.53 -24.80 5.78
C ASP B 110 -7.57 -24.13 6.74
N VAL B 111 -8.06 -23.85 7.94
CA VAL B 111 -7.32 -23.02 8.89
C VAL B 111 -6.54 -23.82 9.94
N GLU B 112 -6.81 -25.13 9.99
CA GLU B 112 -6.15 -25.99 10.97
C GLU B 112 -4.62 -25.91 10.95
N PRO B 113 -4.02 -25.80 9.75
CA PRO B 113 -2.55 -25.67 9.68
C PRO B 113 -1.98 -24.28 10.07
N PHE B 114 -2.83 -23.34 10.50
CA PHE B 114 -2.34 -21.98 10.85
C PHE B 114 -2.53 -21.62 12.32
N VAL B 115 -1.65 -20.77 12.83
CA VAL B 115 -1.91 -20.11 14.10
C VAL B 115 -2.08 -18.64 13.77
N PHE B 116 -2.98 -17.98 14.49
CA PHE B 116 -3.33 -16.59 14.21
C PHE B 116 -3.04 -15.72 15.42
N TYR B 117 -2.38 -14.59 15.17
CA TYR B 117 -2.09 -13.62 16.22
C TYR B 117 -2.90 -12.36 16.00
N ILE B 118 -3.82 -12.13 16.93
CA ILE B 118 -4.81 -11.06 16.82
C ILE B 118 -4.40 -9.86 17.68
N LEU B 119 -4.10 -8.75 17.01
CA LEU B 119 -3.79 -7.51 17.71
C LEU B 119 -5.09 -6.80 18.08
N THR B 120 -5.22 -6.39 19.33
CA THR B 120 -6.42 -5.72 19.80
C THR B 120 -6.08 -4.45 20.60
N GLU B 121 -6.93 -3.44 20.51
CA GLU B 121 -6.90 -2.32 21.44
C GLU B 121 -7.90 -2.66 22.53
N VAL B 122 -7.47 -2.55 23.78
CA VAL B 122 -8.33 -2.92 24.90
C VAL B 122 -8.89 -1.71 25.62
N ASP B 123 -10.20 -1.66 25.75
CA ASP B 123 -10.83 -0.66 26.60
C ASP B 123 -11.76 -1.35 27.59
N ARG B 124 -12.59 -0.58 28.26
CA ARG B 124 -13.46 -1.14 29.28
C ARG B 124 -14.52 -2.04 28.67
N GLN B 125 -14.87 -1.78 27.42
CA GLN B 125 -15.86 -2.59 26.71
C GLN B 125 -15.33 -3.97 26.36
N GLY B 126 -14.02 -4.06 26.12
CA GLY B 126 -13.39 -5.32 25.72
C GLY B 126 -12.17 -5.12 24.83
N ALA B 127 -11.74 -6.20 24.18
CA ALA B 127 -10.55 -6.16 23.32
C ALA B 127 -10.93 -6.19 21.84
N HIS B 128 -10.79 -5.05 21.18
CA HIS B 128 -11.21 -4.88 19.80
C HIS B 128 -10.11 -5.17 18.80
N ILE B 129 -10.42 -6.05 17.84
CA ILE B 129 -9.47 -6.42 16.80
C ILE B 129 -9.03 -5.22 15.93
N VAL B 130 -7.72 -5.02 15.82
CA VAL B 130 -7.23 -3.95 14.95
C VAL B 130 -6.38 -4.50 13.81
N GLY B 131 -5.94 -5.75 13.94
CA GLY B 131 -5.07 -6.33 12.93
C GLY B 131 -4.69 -7.74 13.33
N TYR B 132 -3.93 -8.42 12.48
CA TYR B 132 -3.55 -9.79 12.77
C TYR B 132 -2.45 -10.21 11.84
N PHE B 133 -1.79 -11.31 12.15
CA PHE B 133 -1.05 -12.02 11.12
C PHE B 133 -1.25 -13.51 11.28
N SER B 134 -1.20 -14.21 10.16
CA SER B 134 -1.33 -15.66 10.16
C SER B 134 0.04 -16.27 9.96
N LYS B 135 0.21 -17.49 10.45
CA LYS B 135 1.51 -18.15 10.47
C LYS B 135 1.34 -19.65 10.28
N GLU B 136 2.03 -20.21 9.30
CA GLU B 136 1.93 -21.64 9.04
C GLU B 136 2.69 -22.37 10.15
N LYS B 137 1.98 -23.12 10.96
CA LYS B 137 2.60 -23.88 12.05
C LYS B 137 3.83 -24.68 11.63
N GLU B 138 3.73 -25.39 10.52
CA GLU B 138 4.86 -26.16 10.03
C GLU B 138 5.15 -25.77 8.59
N SER B 139 5.93 -24.72 8.42
CA SER B 139 6.31 -24.26 7.11
C SER B 139 7.63 -24.92 6.75
N PRO B 140 7.65 -25.69 5.67
CA PRO B 140 8.90 -26.32 5.24
C PRO B 140 9.85 -25.27 4.70
N ASP B 141 9.30 -24.13 4.30
CA ASP B 141 10.08 -23.07 3.68
C ASP B 141 10.58 -22.04 4.69
N GLY B 142 10.28 -22.27 5.97
CA GLY B 142 10.72 -21.37 7.02
C GLY B 142 10.02 -20.02 7.03
N ASN B 143 8.76 -20.00 6.63
CA ASN B 143 7.99 -18.77 6.68
C ASN B 143 7.38 -18.54 8.04
N ASN B 144 7.69 -17.39 8.63
CA ASN B 144 7.17 -17.04 9.95
C ASN B 144 5.97 -16.09 9.91
N VAL B 145 5.58 -15.69 8.71
CA VAL B 145 4.30 -15.00 8.46
C VAL B 145 3.72 -15.45 7.13
N ALA B 146 2.41 -15.73 7.09
CA ALA B 146 1.73 -15.97 5.82
C ALA B 146 1.09 -14.69 5.28
N CYS B 147 0.14 -14.13 6.03
CA CYS B 147 -0.50 -12.88 5.65
C CYS B 147 -0.48 -11.94 6.86
N ILE B 148 -0.49 -10.63 6.61
CA ILE B 148 -0.47 -9.65 7.68
C ILE B 148 -1.35 -8.47 7.28
N LEU B 149 -2.09 -7.92 8.24
CA LEU B 149 -3.07 -6.88 7.94
C LEU B 149 -3.37 -6.02 9.14
N THR B 150 -3.37 -4.70 8.94
CA THR B 150 -4.04 -3.78 9.88
C THR B 150 -5.35 -3.34 9.24
N LEU B 151 -6.45 -3.38 10.00
CA LEU B 151 -7.74 -2.92 9.48
C LEU B 151 -7.67 -1.41 9.22
N PRO B 152 -8.25 -0.94 8.10
CA PRO B 152 -8.11 0.44 7.61
C PRO B 152 -8.23 1.54 8.67
N PRO B 153 -9.27 1.49 9.55
CA PRO B 153 -9.40 2.59 10.52
C PRO B 153 -8.22 2.67 11.49
N TYR B 154 -7.41 1.62 11.60
CA TYR B 154 -6.34 1.61 12.59
C TYR B 154 -4.97 1.73 11.95
N GLN B 155 -4.95 2.01 10.64
CA GLN B 155 -3.70 2.07 9.88
C GLN B 155 -2.94 3.37 10.16
N ARG B 156 -1.65 3.38 9.84
CA ARG B 156 -0.80 4.56 10.00
C ARG B 156 -0.55 4.90 11.45
N ARG B 157 -0.65 3.91 12.32
CA ARG B 157 -0.32 4.08 13.73
C ARG B 157 0.81 3.16 14.18
N GLY B 158 1.42 2.44 13.24
CA GLY B 158 2.53 1.57 13.57
C GLY B 158 2.14 0.14 13.93
N TYR B 159 0.86 -0.20 13.84
CA TYR B 159 0.41 -1.53 14.24
C TYR B 159 0.96 -2.62 13.32
N GLY B 160 1.15 -2.29 12.04
CA GLY B 160 1.71 -3.21 11.09
C GLY B 160 3.14 -3.58 11.44
N LYS B 161 3.93 -2.57 11.76
CA LYS B 161 5.32 -2.79 12.11
C LYS B 161 5.46 -3.47 13.48
N PHE B 162 4.52 -3.22 14.39
CA PHE B 162 4.46 -3.98 15.64
C PHE B 162 4.21 -5.48 15.40
N LEU B 163 3.28 -5.80 14.49
CA LEU B 163 2.98 -7.21 14.21
C LEU B 163 4.18 -7.90 13.57
N ILE B 164 4.82 -7.22 12.63
CA ILE B 164 6.04 -7.76 12.05
C ILE B 164 7.08 -8.00 13.13
N ALA B 165 7.32 -6.98 13.98
CA ALA B 165 8.30 -7.16 15.05
C ALA B 165 7.91 -8.40 15.86
N PHE B 166 6.62 -8.51 16.16
CA PHE B 166 6.09 -9.61 16.97
C PHE B 166 6.44 -10.96 16.35
N SER B 167 6.24 -11.08 15.03
CA SER B 167 6.51 -12.34 14.31
C SER B 167 7.96 -12.77 14.49
N TYR B 168 8.86 -11.79 14.52
CA TYR B 168 10.28 -12.07 14.73
C TYR B 168 10.61 -12.39 16.19
N GLU B 169 9.89 -11.77 17.12
CA GLU B 169 10.06 -12.11 18.53
C GLU B 169 9.74 -13.59 18.73
N LEU B 170 8.66 -14.06 18.08
CA LEU B 170 8.27 -15.47 18.14
C LEU B 170 9.40 -16.34 17.59
N SER B 171 9.87 -16.00 16.40
CA SER B 171 11.00 -16.68 15.76
C SER B 171 12.23 -16.77 16.67
N LYS B 172 12.54 -15.68 17.36
CA LYS B 172 13.67 -15.66 18.30
C LYS B 172 13.48 -16.72 19.39
N LEU B 173 12.29 -16.73 19.98
CA LEU B 173 11.95 -17.70 21.01
C LEU B 173 11.92 -19.14 20.50
N GLU B 174 11.87 -19.32 19.18
CA GLU B 174 11.89 -20.66 18.59
C GLU B 174 13.28 -21.00 18.09
N SER B 175 14.22 -20.10 18.35
CA SER B 175 15.59 -20.25 17.90
C SER B 175 15.70 -20.56 16.41
N THR B 176 15.06 -19.74 15.57
CA THR B 176 15.16 -19.94 14.14
C THR B 176 15.05 -18.61 13.38
N VAL B 177 15.50 -18.61 12.12
CA VAL B 177 15.23 -17.48 11.24
C VAL B 177 13.91 -17.74 10.52
N GLY B 178 13.33 -16.70 9.92
CA GLY B 178 12.03 -16.82 9.28
C GLY B 178 11.81 -15.60 8.41
N SER B 179 10.92 -15.72 7.44
CA SER B 179 10.69 -14.65 6.48
C SER B 179 9.22 -14.67 6.04
N PRO B 180 8.64 -13.50 5.71
CA PRO B 180 7.26 -13.54 5.21
C PRO B 180 7.13 -14.38 3.94
N GLU B 181 6.00 -15.07 3.78
CA GLU B 181 5.75 -15.83 2.57
C GLU B 181 5.17 -14.95 1.47
N LYS B 182 5.84 -14.88 0.33
CA LYS B 182 5.32 -14.15 -0.81
C LYS B 182 3.94 -14.75 -1.18
N PRO B 183 2.95 -13.91 -1.48
CA PRO B 183 2.93 -12.45 -1.64
C PRO B 183 2.51 -11.71 -0.38
N LEU B 184 2.99 -10.48 -0.25
CA LEU B 184 2.55 -9.56 0.80
C LEU B 184 1.80 -8.40 0.16
N SER B 185 0.86 -7.80 0.88
CA SER B 185 0.21 -6.58 0.39
C SER B 185 1.28 -5.52 0.14
N ASP B 186 0.98 -4.53 -0.69
CA ASP B 186 1.96 -3.46 -0.93
C ASP B 186 2.29 -2.69 0.35
N LEU B 187 1.29 -2.51 1.21
CA LEU B 187 1.51 -1.90 2.51
C LEU B 187 2.46 -2.73 3.39
N GLY B 188 2.31 -4.05 3.34
CA GLY B 188 3.22 -4.95 4.05
C GLY B 188 4.65 -4.85 3.52
N LYS B 189 4.79 -4.80 2.20
CA LYS B 189 6.10 -4.68 1.60
C LYS B 189 6.86 -3.48 2.18
N LEU B 190 6.20 -2.32 2.22
CA LEU B 190 6.80 -1.10 2.76
C LEU B 190 7.09 -1.25 4.24
N SER B 191 6.19 -1.91 4.97
CA SER B 191 6.37 -2.01 6.41
C SER B 191 7.54 -2.92 6.77
N TYR B 192 7.66 -4.03 6.07
CA TYR B 192 8.85 -4.87 6.24
C TYR B 192 10.11 -4.09 5.94
N ARG B 193 10.11 -3.37 4.82
CA ARG B 193 11.29 -2.59 4.44
C ARG B 193 11.68 -1.65 5.57
N SER B 194 10.70 -0.94 6.09
CA SER B 194 10.93 0.06 7.12
C SER B 194 11.46 -0.58 8.41
N TYR B 195 10.81 -1.67 8.83
CA TYR B 195 11.21 -2.37 10.04
C TYR B 195 12.60 -2.98 9.94
N TRP B 196 12.86 -3.72 8.86
CA TRP B 196 14.17 -4.34 8.65
C TRP B 196 15.28 -3.28 8.65
N SER B 197 15.05 -2.19 7.93
CA SER B 197 16.04 -1.11 7.87
C SER B 197 16.30 -0.56 9.26
N TRP B 198 15.22 -0.29 10.01
CA TRP B 198 15.37 0.26 11.35
C TRP B 198 16.14 -0.66 12.30
N VAL B 199 15.72 -1.93 12.36
CA VAL B 199 16.35 -2.91 13.22
C VAL B 199 17.84 -3.00 12.94
N LEU B 200 18.19 -3.09 11.66
CA LEU B 200 19.58 -3.31 11.26
C LEU B 200 20.42 -2.07 11.51
N LEU B 201 19.86 -0.88 11.27
CA LEU B 201 20.58 0.36 11.60
C LEU B 201 20.85 0.49 13.10
N GLU B 202 19.89 0.17 13.93
CA GLU B 202 20.08 0.28 15.35
C GLU B 202 21.23 -0.57 15.86
N ILE B 203 21.26 -1.79 15.37
CA ILE B 203 22.32 -2.73 15.63
C ILE B 203 23.66 -2.30 15.06
N LEU B 204 23.68 -1.95 13.79
CA LEU B 204 24.91 -1.58 13.16
C LEU B 204 25.47 -0.34 13.81
N ARG B 205 24.60 0.44 14.41
CA ARG B 205 25.02 1.64 15.11
C ARG B 205 25.57 1.27 16.50
N ASP B 206 24.74 0.61 17.32
CA ASP B 206 25.18 0.16 18.63
C ASP B 206 26.54 -0.52 18.54
N PHE B 207 26.59 -1.61 17.80
CA PHE B 207 27.82 -2.40 17.64
C PHE B 207 28.87 -1.70 16.79
N ARG B 208 28.58 -0.48 16.34
CA ARG B 208 29.52 0.27 15.54
C ARG B 208 30.02 -0.56 14.36
N GLY B 209 29.09 -1.26 13.71
CA GLY B 209 29.33 -1.95 12.45
C GLY B 209 30.18 -3.22 12.47
N THR B 210 30.39 -3.82 13.65
CA THR B 210 31.33 -4.93 13.78
C THR B 210 30.81 -6.33 13.38
N LEU B 211 29.49 -6.49 13.32
CA LEU B 211 28.89 -7.81 13.12
C LEU B 211 28.99 -8.35 11.70
N SER B 212 28.83 -9.66 11.54
CA SER B 212 28.74 -10.29 10.22
C SER B 212 27.26 -10.53 9.86
N ILE B 213 27.00 -10.87 8.60
CA ILE B 213 25.63 -11.11 8.16
C ILE B 213 25.00 -12.25 8.94
N LYS B 214 25.75 -13.33 9.13
CA LYS B 214 25.26 -14.44 9.95
C LYS B 214 24.87 -13.98 11.34
N ASP B 215 25.70 -13.14 11.95
CA ASP B 215 25.45 -12.67 13.30
C ASP B 215 24.15 -11.85 13.36
N LEU B 216 24.02 -10.90 12.45
CA LEU B 216 22.79 -10.12 12.36
C LEU B 216 21.59 -11.05 12.28
N SER B 217 21.71 -12.08 11.45
CA SER B 217 20.65 -13.03 11.25
C SER B 217 20.27 -13.70 12.57
N GLN B 218 21.25 -14.32 13.23
CA GLN B 218 21.04 -14.93 14.54
C GLN B 218 20.48 -13.96 15.59
N MET B 219 20.92 -12.71 15.55
CA MET B 219 20.45 -11.72 16.53
C MET B 219 19.00 -11.29 16.32
N THR B 220 18.56 -11.25 15.05
CA THR B 220 17.27 -10.65 14.71
C THR B 220 16.22 -11.66 14.24
N SER B 221 16.68 -12.84 13.83
CA SER B 221 15.82 -13.87 13.25
C SER B 221 15.38 -13.52 11.83
N ILE B 222 15.94 -12.45 11.29
CA ILE B 222 15.75 -12.08 9.90
C ILE B 222 16.70 -12.97 9.10
N THR B 223 16.22 -13.55 8.00
CA THR B 223 17.08 -14.42 7.20
C THR B 223 18.24 -13.63 6.60
N GLN B 224 19.31 -14.32 6.25
CA GLN B 224 20.46 -13.68 5.66
C GLN B 224 20.07 -12.99 4.35
N ASN B 225 19.23 -13.66 3.55
CA ASN B 225 18.76 -13.08 2.31
C ASN B 225 18.03 -11.75 2.50
N ASP B 226 17.11 -11.71 3.46
CA ASP B 226 16.38 -10.47 3.74
C ASP B 226 17.31 -9.40 4.28
N ILE B 227 18.28 -9.79 5.12
CA ILE B 227 19.27 -8.85 5.59
C ILE B 227 20.06 -8.28 4.41
N ILE B 228 20.59 -9.17 3.57
CA ILE B 228 21.36 -8.72 2.41
C ILE B 228 20.55 -7.78 1.50
N SER B 229 19.27 -8.11 1.30
CA SER B 229 18.37 -7.30 0.47
C SER B 229 18.18 -5.89 1.02
N THR B 230 17.99 -5.82 2.33
CA THR B 230 17.80 -4.56 3.02
C THR B 230 19.07 -3.73 2.98
N LEU B 231 20.20 -4.37 3.33
CA LEU B 231 21.47 -3.65 3.32
C LEU B 231 21.80 -3.15 1.93
N GLN B 232 21.34 -3.88 0.91
CA GLN B 232 21.57 -3.43 -0.45
C GLN B 232 20.80 -2.15 -0.75
N SER B 233 19.59 -2.04 -0.21
CA SER B 233 18.76 -0.86 -0.47
C SER B 233 19.30 0.34 0.30
N LEU B 234 20.12 0.07 1.31
CA LEU B 234 20.73 1.10 2.14
C LEU B 234 22.16 1.43 1.72
N ASN B 235 22.64 0.75 0.67
CA ASN B 235 24.01 0.98 0.21
C ASN B 235 25.07 0.56 1.23
N MET B 236 24.78 -0.48 1.99
CA MET B 236 25.65 -0.85 3.10
C MET B 236 26.19 -2.28 3.01
N VAL B 237 26.23 -2.84 1.80
CA VAL B 237 26.78 -4.17 1.58
C VAL B 237 27.46 -4.26 0.22
N LYS B 238 28.50 -5.10 0.10
CA LYS B 238 29.28 -5.24 -1.14
C LYS B 238 29.66 -6.69 -1.40
N TYR B 239 30.15 -6.97 -2.61
CA TYR B 239 30.55 -8.34 -2.95
C TYR B 239 32.05 -8.49 -3.16
N GLN B 243 32.39 -12.67 -1.06
CA GLN B 243 31.15 -12.80 -0.31
C GLN B 243 30.48 -11.45 -0.03
N HIS B 244 29.37 -11.50 0.68
CA HIS B 244 28.65 -10.29 1.07
C HIS B 244 29.25 -9.74 2.35
N VAL B 245 29.84 -8.56 2.25
CA VAL B 245 30.41 -7.92 3.42
C VAL B 245 29.70 -6.60 3.73
N ILE B 246 29.38 -6.42 5.00
CA ILE B 246 28.77 -5.20 5.50
C ILE B 246 29.76 -4.05 5.45
N CYS B 247 29.55 -3.11 4.52
CA CYS B 247 30.37 -1.92 4.43
C CYS B 247 29.58 -0.73 4.96
N VAL B 248 29.82 -0.39 6.21
CA VAL B 248 29.08 0.70 6.82
C VAL B 248 30.01 1.77 7.37
N THR B 249 29.52 3.00 7.40
CA THR B 249 30.28 4.13 7.92
C THR B 249 29.39 4.97 8.81
N PRO B 250 29.97 5.60 9.84
CA PRO B 250 29.20 6.47 10.74
C PRO B 250 28.28 7.40 9.95
N LYS B 251 28.80 7.96 8.87
CA LYS B 251 28.06 8.90 8.02
C LYS B 251 26.80 8.27 7.44
N LEU B 252 26.96 7.14 6.75
CA LEU B 252 25.82 6.47 6.14
C LEU B 252 24.75 6.18 7.18
N VAL B 253 25.16 5.67 8.33
CA VAL B 253 24.21 5.27 9.37
C VAL B 253 23.44 6.47 9.94
N GLU B 254 24.16 7.52 10.32
CA GLU B 254 23.48 8.68 10.87
C GLU B 254 22.64 9.38 9.81
N GLU B 255 23.17 9.45 8.58
CA GLU B 255 22.43 10.06 7.48
C GLU B 255 21.07 9.37 7.31
N HIS B 256 21.08 8.04 7.23
CA HIS B 256 19.85 7.27 7.13
C HIS B 256 18.92 7.47 8.32
N LEU B 257 19.46 7.29 9.52
CA LEU B 257 18.63 7.38 10.72
C LEU B 257 18.07 8.79 10.88
N LYS B 258 18.69 9.75 10.20
CA LYS B 258 18.18 11.13 10.18
C LYS B 258 17.28 11.39 8.98
N SER B 259 17.56 10.73 7.85
CA SER B 259 16.69 10.83 6.70
C SER B 259 15.26 10.47 7.12
N ALA B 260 14.30 10.96 6.35
CA ALA B 260 12.89 10.91 6.72
C ALA B 260 12.33 9.50 7.04
N GLN B 261 12.74 8.53 6.25
CA GLN B 261 11.97 7.31 6.02
C GLN B 261 12.24 6.11 6.93
N TYR B 262 13.33 6.16 7.69
CA TYR B 262 13.71 4.98 8.46
C TYR B 262 13.58 5.19 9.96
N LYS B 263 12.54 5.93 10.34
CA LYS B 263 12.30 6.24 11.75
C LYS B 263 11.86 5.03 12.58
N LYS B 264 12.16 5.08 13.87
CA LYS B 264 11.75 4.06 14.82
C LYS B 264 10.26 3.77 14.66
N PRO B 265 9.89 2.49 14.61
CA PRO B 265 8.46 2.16 14.66
C PRO B 265 7.85 2.84 15.89
N PRO B 266 6.66 3.45 15.75
CA PRO B 266 6.07 4.14 16.91
C PRO B 266 5.73 3.19 18.05
N ILE B 267 5.48 1.92 17.72
CA ILE B 267 5.12 0.92 18.72
C ILE B 267 6.07 -0.26 18.61
N THR B 268 6.77 -0.56 19.70
CA THR B 268 7.76 -1.63 19.69
C THR B 268 7.31 -2.79 20.55
N VAL B 269 7.85 -3.98 20.28
CA VAL B 269 7.51 -5.13 21.08
C VAL B 269 8.41 -5.18 22.31
N ASP B 270 7.80 -5.10 23.49
CA ASP B 270 8.53 -5.16 24.75
C ASP B 270 8.55 -6.60 25.27
N SER B 271 9.73 -7.22 25.20
CA SER B 271 9.90 -8.60 25.64
C SER B 271 9.35 -8.88 27.04
N VAL B 272 9.38 -7.89 27.93
CA VAL B 272 8.91 -8.12 29.30
C VAL B 272 7.42 -8.40 29.32
N CYS B 273 6.70 -7.89 28.32
CA CYS B 273 5.25 -7.99 28.31
C CYS B 273 4.75 -9.18 27.49
N LEU B 274 5.69 -9.95 26.97
CA LEU B 274 5.40 -11.15 26.20
C LEU B 274 5.47 -12.41 27.07
N LYS B 275 4.40 -13.17 27.08
CA LYS B 275 4.30 -14.39 27.87
C LYS B 275 4.01 -15.53 26.91
N TRP B 276 5.05 -16.21 26.43
CA TRP B 276 4.88 -17.22 25.40
C TRP B 276 6.09 -18.13 25.28
N ALA B 277 5.82 -19.39 24.96
CA ALA B 277 6.86 -20.34 24.62
C ALA B 277 6.36 -21.21 23.47
N PRO B 278 7.28 -21.71 22.63
CA PRO B 278 6.95 -22.60 21.50
C PRO B 278 6.24 -23.89 21.97
N LEU C 1 11.94 -11.54 -3.57
CA LEU C 1 11.38 -11.99 -2.30
C LEU C 1 9.88 -11.67 -2.21
N ALA C 2 9.33 -11.77 -1.00
CA ALA C 2 8.00 -11.22 -0.72
C ALA C 2 8.13 -9.70 -0.63
N VAL C 3 9.35 -9.23 -0.43
CA VAL C 3 9.63 -7.80 -0.26
C VAL C 3 10.64 -7.37 -1.31
N PRO C 4 10.16 -6.93 -2.48
CA PRO C 4 11.06 -6.51 -3.55
C PRO C 4 11.89 -5.31 -3.10
N SER C 5 13.06 -5.18 -3.67
CA SER C 5 14.03 -4.22 -3.21
C SER C 5 14.76 -3.64 -4.41
N TRP C 6 15.90 -3.02 -4.16
CA TRP C 6 16.71 -2.43 -5.21
C TRP C 6 18.15 -2.36 -4.71
N ARG C 7 19.06 -2.02 -5.61
CA ARG C 7 20.47 -1.91 -5.26
C ARG C 7 21.18 -0.99 -6.23
N ASP C 8 22.26 -0.35 -5.77
CA ASP C 8 23.11 0.46 -6.62
C ASP C 8 23.98 -0.39 -7.54
N HIS C 9 23.75 -0.28 -8.84
CA HIS C 9 24.64 -0.86 -9.84
C HIS C 9 25.12 0.23 -10.81
N SER C 10 26.43 0.32 -11.01
CA SER C 10 26.98 1.18 -12.05
C SER C 10 27.33 0.37 -13.29
N VAL C 11 27.08 0.96 -14.45
CA VAL C 11 27.50 0.38 -15.70
C VAL C 11 28.22 1.47 -16.49
N GLU C 12 29.33 1.12 -17.14
CA GLU C 12 30.05 2.10 -17.94
C GLU C 12 29.55 2.10 -19.38
N PRO C 13 29.53 3.30 -20.01
CA PRO C 13 29.15 3.40 -21.42
C PRO C 13 30.04 2.50 -22.28
N LEU C 14 29.50 2.04 -23.40
CA LEU C 14 30.27 1.25 -24.35
C LEU C 14 30.51 2.10 -25.59
N ARG C 15 31.75 2.57 -25.74
CA ARG C 15 32.09 3.56 -26.77
C ARG C 15 32.35 2.97 -28.16
N ASP C 16 33.24 1.99 -28.24
CA ASP C 16 33.52 1.34 -29.52
C ASP C 16 33.10 -0.12 -29.48
N PRO C 17 31.85 -0.39 -29.89
CA PRO C 17 31.21 -1.70 -29.83
C PRO C 17 31.45 -2.52 -31.10
N LEU C 23 22.67 -5.41 -31.44
CA LEU C 23 21.73 -6.45 -31.82
C LEU C 23 20.28 -5.95 -31.80
N GLU C 24 20.05 -4.90 -31.03
CA GLU C 24 18.73 -4.28 -30.95
C GLU C 24 18.77 -2.90 -31.61
N ASN C 25 17.74 -2.58 -32.39
CA ASN C 25 17.62 -1.25 -32.96
C ASN C 25 16.73 -0.38 -32.06
N LEU C 26 17.29 0.69 -31.53
CA LEU C 26 16.58 1.55 -30.59
C LEU C 26 15.87 2.74 -31.25
N ASP C 27 15.74 2.68 -32.57
CA ASP C 27 15.05 3.73 -33.30
C ASP C 27 13.59 3.82 -32.88
N ASP C 28 13.06 5.04 -32.79
CA ASP C 28 11.64 5.21 -32.53
C ASP C 28 10.80 4.31 -33.45
N SER C 29 11.20 4.28 -34.73
CA SER C 29 10.54 3.46 -35.76
C SER C 29 10.26 2.05 -35.27
N VAL C 30 11.29 1.44 -34.68
CA VAL C 30 11.21 0.09 -34.16
C VAL C 30 10.10 -0.04 -33.12
N PHE C 31 10.08 0.89 -32.17
CA PHE C 31 9.08 0.87 -31.12
C PHE C 31 7.66 1.08 -31.64
N SER C 32 7.46 2.00 -32.58
CA SER C 32 6.11 2.24 -33.09
C SER C 32 5.57 1.01 -33.81
N LYS C 33 6.43 0.35 -34.57
CA LYS C 33 6.06 -0.91 -35.22
C LYS C 33 5.71 -1.96 -34.20
N ARG C 34 6.59 -2.14 -33.20
CA ARG C 34 6.39 -3.16 -32.20
C ARG C 34 5.12 -2.92 -31.37
N HIS C 35 4.75 -1.65 -31.18
CA HIS C 35 3.64 -1.29 -30.31
C HIS C 35 2.31 -1.09 -31.06
N ALA C 36 2.39 -0.92 -32.38
CA ALA C 36 1.22 -0.58 -33.18
C ALA C 36 -0.01 -1.43 -32.88
N LYS C 37 0.17 -2.75 -32.91
CA LYS C 37 -0.97 -3.65 -32.77
C LYS C 37 -1.60 -3.62 -31.38
N LEU C 38 -0.77 -3.49 -30.35
CA LEU C 38 -1.27 -3.55 -28.98
C LEU C 38 -2.08 -2.29 -28.67
N GLU C 39 -1.69 -1.17 -29.30
CA GLU C 39 -2.47 0.05 -29.23
C GLU C 39 -3.89 -0.21 -29.76
N LEU C 40 -3.98 -0.69 -31.00
CA LEU C 40 -5.28 -0.99 -31.60
C LEU C 40 -6.09 -1.92 -30.70
N ASP C 41 -5.49 -3.05 -30.31
CA ASP C 41 -6.09 -3.96 -29.35
C ASP C 41 -6.68 -3.24 -28.13
N GLU C 42 -5.92 -2.30 -27.57
CA GLU C 42 -6.37 -1.55 -26.40
C GLU C 42 -7.54 -0.62 -26.72
N LYS C 43 -7.44 0.08 -27.84
CA LYS C 43 -8.51 0.95 -28.28
C LYS C 43 -9.82 0.17 -28.48
N ARG C 44 -9.71 -1.00 -29.11
CA ARG C 44 -10.89 -1.82 -29.38
C ARG C 44 -11.56 -2.31 -28.09
N ARG C 45 -10.77 -2.93 -27.21
CA ARG C 45 -11.28 -3.41 -25.94
C ARG C 45 -12.02 -2.31 -25.18
N LYS C 46 -11.55 -1.08 -25.35
CA LYS C 46 -12.20 0.04 -24.68
C LYS C 46 -13.52 0.35 -25.36
N ARG C 47 -13.48 0.42 -26.69
CA ARG C 47 -14.68 0.57 -27.51
C ARG C 47 -15.67 -0.54 -27.23
N LEU D 1 -14.74 5.49 -2.99
CA LEU D 1 -13.95 6.00 -4.11
C LEU D 1 -12.95 4.98 -4.66
N ALA D 2 -11.94 5.52 -5.33
CA ALA D 2 -10.67 4.86 -5.54
C ALA D 2 -9.99 4.80 -4.18
N VAL D 3 -10.52 5.58 -3.23
CA VAL D 3 -9.93 5.67 -1.88
C VAL D 3 -10.93 5.17 -0.85
N PRO D 4 -10.92 3.87 -0.53
CA PRO D 4 -11.98 3.44 0.39
C PRO D 4 -11.74 4.00 1.77
N SER D 5 -12.77 4.13 2.60
CA SER D 5 -12.64 4.87 3.84
C SER D 5 -13.41 4.15 4.94
N TRP D 6 -13.99 4.92 5.87
CA TRP D 6 -14.82 4.37 6.93
C TRP D 6 -15.49 5.50 7.69
N ARG D 7 -16.43 5.14 8.55
CA ARG D 7 -17.10 6.12 9.39
C ARG D 7 -17.52 5.49 10.71
N ASP D 8 -17.63 6.31 11.76
CA ASP D 8 -18.16 5.90 13.04
C ASP D 8 -19.67 5.75 12.92
N HIS D 9 -20.19 4.55 13.11
CA HIS D 9 -21.63 4.34 13.16
C HIS D 9 -22.04 3.36 14.26
N SER D 10 -23.02 3.77 15.06
CA SER D 10 -23.51 2.92 16.14
C SER D 10 -24.87 2.35 15.79
N VAL D 11 -25.08 1.10 16.19
CA VAL D 11 -26.37 0.46 16.10
C VAL D 11 -26.70 -0.04 17.51
N GLU D 12 -27.96 0.03 17.89
CA GLU D 12 -28.36 -0.41 19.24
C GLU D 12 -28.81 -1.86 19.25
N PRO D 13 -28.60 -2.55 20.38
CA PRO D 13 -29.07 -3.93 20.52
C PRO D 13 -30.58 -4.05 20.32
N LEU D 14 -31.04 -5.25 19.97
CA LEU D 14 -32.44 -5.61 19.78
C LEU D 14 -32.73 -6.17 18.39
N ASP D 16 -35.86 -5.77 23.49
CA ASP D 16 -35.41 -7.09 23.08
C ASP D 16 -36.50 -7.82 22.30
N PRO D 17 -37.24 -7.11 21.44
CA PRO D 17 -38.35 -7.76 20.75
C PRO D 17 -38.00 -9.17 20.28
N ASN D 18 -39.01 -10.01 20.15
CA ASN D 18 -38.82 -11.36 19.65
C ASN D 18 -39.26 -11.49 18.19
N PRO D 19 -39.01 -10.45 17.36
CA PRO D 19 -39.58 -10.49 16.02
C PRO D 19 -38.99 -11.63 15.20
N SER D 20 -39.81 -12.31 14.41
CA SER D 20 -39.32 -13.42 13.61
C SER D 20 -38.39 -12.96 12.48
N LEU D 22 -35.41 -12.26 12.77
CA LEU D 22 -34.31 -13.22 12.82
C LEU D 22 -34.43 -14.26 11.71
N LEU D 23 -33.84 -13.93 10.56
CA LEU D 23 -33.85 -14.81 9.39
C LEU D 23 -32.54 -15.58 9.22
N GLU D 24 -31.65 -15.45 10.20
CA GLU D 24 -30.34 -16.11 10.13
C GLU D 24 -30.06 -16.88 11.41
N ASN D 25 -29.54 -18.10 11.25
CA ASN D 25 -29.09 -18.88 12.40
C ASN D 25 -27.60 -18.62 12.61
N LEU D 26 -27.24 -18.13 13.78
CA LEU D 26 -25.85 -17.75 14.01
C LEU D 26 -25.07 -18.80 14.80
N ASP D 27 -25.63 -20.00 14.92
CA ASP D 27 -24.93 -21.09 15.58
C ASP D 27 -23.68 -21.50 14.82
N ASP D 28 -22.64 -21.86 15.56
CA ASP D 28 -21.42 -22.41 14.99
C ASP D 28 -21.69 -23.44 13.89
N SER D 29 -22.56 -24.40 14.20
CA SER D 29 -22.85 -25.50 13.32
C SER D 29 -23.23 -25.00 11.93
N VAL D 30 -23.98 -23.90 11.90
CA VAL D 30 -24.43 -23.34 10.63
C VAL D 30 -23.24 -22.90 9.77
N PHE D 31 -22.28 -22.24 10.41
CA PHE D 31 -21.07 -21.79 9.72
C PHE D 31 -20.22 -22.97 9.33
N SER D 32 -20.09 -23.93 10.25
CA SER D 32 -19.31 -25.13 9.96
C SER D 32 -19.79 -25.79 8.67
N LYS D 33 -21.10 -25.91 8.53
CA LYS D 33 -21.71 -26.55 7.35
C LYS D 33 -21.54 -25.72 6.08
N ARG D 34 -21.75 -24.42 6.22
CA ARG D 34 -21.62 -23.50 5.10
C ARG D 34 -20.19 -23.48 4.56
N HIS D 35 -19.20 -23.65 5.44
CA HIS D 35 -17.79 -23.60 5.03
C HIS D 35 -17.22 -24.98 4.69
N ALA D 36 -18.00 -26.03 4.97
CA ALA D 36 -17.49 -27.40 4.80
C ALA D 36 -16.89 -27.66 3.43
N LYS D 37 -17.66 -27.44 2.37
CA LYS D 37 -17.23 -27.76 1.02
C LYS D 37 -15.99 -26.97 0.61
N LEU D 38 -15.97 -25.70 1.02
CA LEU D 38 -14.87 -24.80 0.67
C LEU D 38 -13.62 -25.23 1.38
N GLU D 39 -13.77 -25.62 2.64
CA GLU D 39 -12.67 -26.17 3.42
C GLU D 39 -12.05 -27.40 2.74
N LEU D 40 -12.92 -28.31 2.27
CA LEU D 40 -12.46 -29.49 1.56
C LEU D 40 -11.71 -29.14 0.28
N ASP D 41 -12.20 -28.15 -0.46
CA ASP D 41 -11.58 -27.74 -1.72
C ASP D 41 -10.12 -27.29 -1.50
N GLU D 42 -9.90 -26.55 -0.42
CA GLU D 42 -8.55 -26.12 -0.05
C GLU D 42 -7.73 -27.32 0.42
N LYS D 43 -8.35 -28.16 1.24
CA LYS D 43 -7.65 -29.35 1.73
C LYS D 43 -7.20 -30.21 0.57
N ARG D 44 -8.08 -30.42 -0.41
CA ARG D 44 -7.76 -31.28 -1.56
C ARG D 44 -6.47 -30.87 -2.25
N ARG D 45 -6.14 -29.58 -2.16
CA ARG D 45 -4.94 -29.02 -2.81
C ARG D 45 -3.65 -29.26 -2.05
N LYS D 46 -3.75 -29.53 -0.75
CA LYS D 46 -2.56 -29.67 0.08
C LYS D 46 -1.86 -31.01 -0.17
N ARG D 47 -0.53 -31.03 -0.10
CA ARG D 47 0.24 -32.24 -0.43
C ARG D 47 1.48 -32.35 0.43
N TRP D 48 1.85 -33.58 0.75
CA TRP D 48 3.12 -33.83 1.42
C TRP D 48 4.21 -33.89 0.36
#